data_1SKG
#
_entry.id   1SKG
#
_cell.length_a   52.350
_cell.length_b   52.350
_cell.length_c   47.828
_cell.angle_alpha   90.00
_cell.angle_beta   90.00
_cell.angle_gamma   90.00
#
_symmetry.space_group_name_H-M   'P 43'
#
loop_
_entity.id
_entity.type
_entity.pdbx_description
1 polymer 'Phospholipase A2'
2 polymer VAFRS
3 non-polymer 'SULFATE ION'
4 non-polymer METHANOL
5 water water
#
loop_
_entity_poly.entity_id
_entity_poly.type
_entity_poly.pdbx_seq_one_letter_code
_entity_poly.pdbx_strand_id
1 'polypeptide(L)'
;SLLEFGKMILEETGKLAIPSYSSYGCYCGWGGKGTPKDATDRCCFVHDCCYGNLPDCNPKSDRYKYKRVNGAIVCEKGTS
CENRICECDKAAAICFRQNLNTYSKKYMLYPDFLCKGELKC
;
A
2 'polypeptide(L)' VAFRS B
#
loop_
_chem_comp.id
_chem_comp.type
_chem_comp.name
_chem_comp.formula
MOH non-polymer METHANOL 'C H4 O'
SO4 non-polymer 'SULFATE ION' 'O4 S -2'
#
# COMPACT_ATOMS: atom_id res chain seq x y z
N SER A 1 -9.69 0.33 -5.45
CA SER A 1 -10.33 0.07 -4.16
C SER A 1 -9.41 -0.78 -3.28
N LEU A 2 -9.65 -0.80 -1.99
CA LEU A 2 -8.83 -1.58 -1.09
C LEU A 2 -8.85 -3.04 -1.44
N LEU A 3 -9.98 -3.59 -1.89
CA LEU A 3 -10.04 -5.00 -2.26
C LEU A 3 -9.19 -5.27 -3.48
N GLU A 4 -9.22 -4.35 -4.45
CA GLU A 4 -8.39 -4.54 -5.65
C GLU A 4 -6.91 -4.43 -5.26
N PHE A 5 -6.58 -3.51 -4.38
CA PHE A 5 -5.19 -3.39 -3.95
C PHE A 5 -4.76 -4.72 -3.33
N GLY A 6 -5.64 -5.31 -2.51
CA GLY A 6 -5.26 -6.55 -1.87
C GLY A 6 -5.08 -7.66 -2.87
N LYS A 7 -5.89 -7.70 -3.93
CA LYS A 7 -5.69 -8.73 -4.96
C LYS A 7 -4.37 -8.47 -5.68
N MET A 8 -4.05 -7.23 -5.99
CA MET A 8 -2.76 -6.88 -6.56
C MET A 8 -1.60 -7.28 -5.67
N ILE A 9 -1.71 -7.05 -4.37
CA ILE A 9 -0.68 -7.45 -3.42
C ILE A 9 -0.47 -8.96 -3.43
N LEU A 10 -1.55 -9.73 -3.41
CA LEU A 10 -1.43 -11.19 -3.44
C LEU A 10 -0.80 -11.64 -4.73
N GLU A 11 -1.25 -11.08 -5.86
CA GLU A 11 -0.67 -11.44 -7.12
C GLU A 11 0.81 -11.17 -7.17
N GLU A 12 1.21 -10.04 -6.62
CA GLU A 12 2.63 -9.71 -6.72
C GLU A 12 3.48 -10.52 -5.79
N THR A 13 3.01 -10.69 -4.54
CA THR A 13 3.85 -11.22 -3.50
C THR A 13 3.55 -12.63 -3.04
N GLY A 14 2.37 -13.16 -3.32
CA GLY A 14 1.94 -14.43 -2.76
C GLY A 14 1.54 -14.30 -1.29
N LYS A 15 1.62 -13.16 -0.67
CA LYS A 15 1.05 -12.98 0.67
C LYS A 15 -0.32 -12.34 0.60
N LEU A 16 -1.18 -12.78 1.51
CA LEU A 16 -2.49 -12.17 1.64
C LEU A 16 -2.36 -10.78 2.26
N ALA A 17 -3.01 -9.79 1.66
CA ALA A 17 -2.93 -8.43 2.16
C ALA A 17 -3.37 -8.36 3.61
N ILE A 18 -4.49 -9.01 3.94
CA ILE A 18 -4.85 -9.27 5.33
C ILE A 18 -4.48 -10.73 5.58
N PRO A 19 -3.54 -11.09 6.43
CA PRO A 19 -2.92 -10.27 7.42
C PRO A 19 -1.51 -9.77 7.14
N SER A 20 -0.93 -10.03 5.99
CA SER A 20 0.49 -9.68 5.90
C SER A 20 0.80 -8.20 5.77
N TYR A 21 -0.12 -7.40 5.25
CA TYR A 21 0.21 -5.99 5.01
C TYR A 21 -0.84 -5.04 5.59
N SER A 22 -1.79 -5.53 6.38
CA SER A 22 -2.89 -4.75 6.89
C SER A 22 -2.57 -4.12 8.22
N SER A 23 -1.54 -4.57 8.91
CA SER A 23 -1.19 -4.12 10.24
C SER A 23 0.32 -4.09 10.50
N TYR A 24 1.04 -3.86 9.40
CA TYR A 24 2.50 -4.04 9.42
C TYR A 24 3.19 -2.71 9.70
N GLY A 25 4.09 -2.74 10.69
CA GLY A 25 4.88 -1.57 11.01
C GLY A 25 4.03 -0.39 11.37
N CYS A 26 4.52 0.78 11.03
CA CYS A 26 3.86 2.02 11.39
C CYS A 26 2.90 2.51 10.32
N TYR A 27 3.03 2.11 9.08
CA TYR A 27 2.28 2.76 8.01
C TYR A 27 1.41 1.81 7.22
N CYS A 28 1.57 0.51 7.35
CA CYS A 28 0.79 -0.40 6.51
C CYS A 28 -0.56 -0.63 7.14
N GLY A 29 -1.59 -0.30 6.37
CA GLY A 29 -2.94 -0.66 6.73
C GLY A 29 -3.52 0.32 7.69
N TRP A 30 -2.67 1.15 8.29
CA TRP A 30 -3.20 2.06 9.32
C TRP A 30 -2.13 3.06 9.72
N GLY A 31 -1.44 3.58 8.70
CA GLY A 31 -0.36 4.50 8.92
C GLY A 31 -0.71 5.86 9.50
N GLY A 32 0.27 6.63 9.95
CA GLY A 32 0.09 7.99 10.40
C GLY A 32 1.32 8.66 10.96
N LYS A 33 2.06 7.96 11.82
CA LYS A 33 3.17 8.59 12.54
C LYS A 33 4.31 7.60 12.69
N GLY A 34 5.50 8.13 13.06
CA GLY A 34 6.58 7.20 13.30
C GLY A 34 7.59 7.11 12.16
N THR A 35 8.78 6.62 12.51
CA THR A 35 9.74 6.26 11.48
C THR A 35 9.38 4.88 10.96
N PRO A 36 9.16 4.75 9.64
CA PRO A 36 8.88 3.40 9.09
C PRO A 36 9.91 2.39 9.52
N LYS A 37 9.45 1.15 9.81
CA LYS A 37 10.34 0.19 10.46
C LYS A 37 11.34 -0.44 9.51
N ASP A 38 11.08 -0.50 8.23
CA ASP A 38 11.90 -1.21 7.27
C ASP A 38 11.42 -0.80 5.87
N ALA A 39 12.02 -1.43 4.87
CA ALA A 39 11.65 -1.01 3.50
C ALA A 39 10.19 -1.31 3.19
N THR A 40 9.64 -2.42 3.64
CA THR A 40 8.24 -2.71 3.37
C THR A 40 7.38 -1.64 3.99
N ASP A 41 7.69 -1.26 5.21
CA ASP A 41 6.89 -0.20 5.84
C ASP A 41 7.06 1.11 5.10
N ARG A 42 8.25 1.39 4.54
CA ARG A 42 8.40 2.59 3.71
C ARG A 42 7.55 2.48 2.45
N CYS A 43 7.34 1.28 1.91
CA CYS A 43 6.38 1.19 0.82
C CYS A 43 5.02 1.75 1.23
N CYS A 44 4.61 1.38 2.45
CA CYS A 44 3.33 1.85 2.93
C CYS A 44 3.34 3.33 3.23
N PHE A 45 4.45 3.84 3.74
CA PHE A 45 4.54 5.28 3.96
C PHE A 45 4.31 6.02 2.66
N VAL A 46 5.04 5.61 1.64
CA VAL A 46 4.95 6.27 0.34
C VAL A 46 3.54 6.08 -0.20
N HIS A 47 2.94 4.91 -0.05
CA HIS A 47 1.58 4.69 -0.56
C HIS A 47 0.58 5.62 0.16
N ASP A 48 0.77 5.79 1.45
CA ASP A 48 -0.07 6.71 2.23
C ASP A 48 0.11 8.12 1.69
N CYS A 49 1.36 8.53 1.42
CA CYS A 49 1.59 9.84 0.84
C CYS A 49 0.94 9.98 -0.52
N CYS A 50 0.98 8.91 -1.30
CA CYS A 50 0.44 8.85 -2.65
C CYS A 50 -1.06 9.07 -2.59
N TYR A 51 -1.75 8.38 -1.69
CA TYR A 51 -3.17 8.64 -1.48
C TYR A 51 -3.42 10.05 -0.97
N GLY A 52 -2.50 10.54 -0.14
CA GLY A 52 -2.60 11.87 0.44
C GLY A 52 -2.53 12.95 -0.64
N ASN A 53 -1.93 12.66 -1.76
CA ASN A 53 -1.80 13.52 -2.94
C ASN A 53 -3.20 13.66 -3.57
N LEU A 54 -4.18 12.85 -3.21
CA LEU A 54 -5.49 12.75 -3.88
C LEU A 54 -6.64 13.02 -2.92
N PRO A 55 -6.68 14.21 -2.31
CA PRO A 55 -7.66 14.47 -1.25
C PRO A 55 -9.13 14.41 -1.71
N ASP A 56 -9.35 14.60 -3.06
CA ASP A 56 -10.69 14.56 -3.57
C ASP A 56 -10.98 13.25 -4.30
N CYS A 57 -10.14 12.26 -4.08
CA CYS A 57 -10.41 10.88 -4.55
C CYS A 57 -10.74 10.02 -3.34
N ASN A 58 -11.24 8.83 -3.59
CA ASN A 58 -11.69 7.88 -2.53
C ASN A 58 -11.10 6.50 -2.80
N PRO A 59 -9.82 6.37 -2.47
CA PRO A 59 -9.07 5.16 -2.85
C PRO A 59 -9.54 3.91 -2.13
N LYS A 60 -10.20 4.02 -1.00
CA LYS A 60 -10.71 2.78 -0.37
C LYS A 60 -11.77 2.10 -1.21
N SER A 61 -12.63 2.90 -1.86
CA SER A 61 -13.77 2.31 -2.51
C SER A 61 -13.81 2.45 -4.01
N ASP A 62 -13.14 3.42 -4.59
CA ASP A 62 -13.24 3.63 -6.04
C ASP A 62 -12.48 2.55 -6.76
N ARG A 63 -13.10 1.90 -7.72
CA ARG A 63 -12.51 0.78 -8.43
C ARG A 63 -11.85 1.26 -9.71
N TYR A 64 -10.70 0.67 -10.01
CA TYR A 64 -10.02 0.92 -11.26
C TYR A 64 -9.83 -0.42 -12.00
N LYS A 65 -9.42 -0.34 -13.26
CA LYS A 65 -9.11 -1.56 -14.02
C LYS A 65 -7.61 -1.56 -14.36
N TYR A 66 -7.05 -2.78 -14.36
CA TYR A 66 -5.67 -2.89 -14.82
C TYR A 66 -5.52 -4.23 -15.50
N LYS A 67 -4.45 -4.35 -16.27
CA LYS A 67 -4.18 -5.64 -16.91
C LYS A 67 -2.70 -5.92 -16.72
N ARG A 68 -2.22 -7.05 -17.18
CA ARG A 68 -0.80 -7.42 -17.11
C ARG A 68 -0.30 -7.51 -18.56
N VAL A 69 0.85 -6.92 -18.81
CA VAL A 69 1.57 -7.04 -20.08
C VAL A 69 2.95 -7.61 -19.70
N ASN A 70 3.07 -8.89 -20.04
CA ASN A 70 3.83 -9.99 -19.50
C ASN A 70 4.44 -9.70 -18.13
N GLY A 71 3.70 -10.08 -17.07
CA GLY A 71 4.16 -9.69 -15.73
C GLY A 71 3.83 -8.28 -15.31
N ALA A 72 3.95 -7.27 -16.16
CA ALA A 72 3.89 -5.88 -15.74
C ALA A 72 2.47 -5.36 -15.56
N ILE A 73 2.20 -4.55 -14.55
CA ILE A 73 0.87 -3.97 -14.32
C ILE A 73 0.72 -2.77 -15.21
N VAL A 74 -0.40 -2.71 -15.95
CA VAL A 74 -0.74 -1.58 -16.75
C VAL A 74 -2.11 -1.06 -16.33
N CYS A 75 -2.12 0.13 -15.75
CA CYS A 75 -3.39 0.71 -15.34
C CYS A 75 -4.18 1.11 -16.60
N GLU A 76 -5.45 0.73 -16.68
CA GLU A 76 -6.28 1.10 -17.84
C GLU A 76 -6.98 2.39 -17.54
N LYS A 77 -7.44 3.12 -18.54
CA LYS A 77 -7.93 4.47 -18.31
C LYS A 77 -9.33 4.36 -17.77
N GLY A 78 -9.56 5.07 -16.65
CA GLY A 78 -10.88 5.24 -15.99
C GLY A 78 -11.01 6.75 -15.79
N THR A 79 -11.60 7.12 -14.68
CA THR A 79 -11.63 8.53 -14.29
C THR A 79 -10.22 8.98 -13.87
N SER A 80 -10.00 10.30 -13.77
CA SER A 80 -8.71 10.76 -13.31
C SER A 80 -8.37 10.16 -11.93
N CYS A 81 -9.32 10.19 -11.00
CA CYS A 81 -9.03 9.62 -9.69
C CYS A 81 -8.67 8.15 -9.82
N GLU A 82 -9.42 7.39 -10.62
CA GLU A 82 -9.10 5.95 -10.72
C GLU A 82 -7.68 5.72 -11.27
N ASN A 83 -7.33 6.52 -12.26
CA ASN A 83 -5.99 6.36 -12.83
C ASN A 83 -4.93 6.61 -11.76
N ARG A 84 -5.10 7.66 -10.99
CA ARG A 84 -4.08 8.07 -10.04
C ARG A 84 -4.06 7.09 -8.89
N ILE A 85 -5.20 6.60 -8.42
CA ILE A 85 -5.24 5.57 -7.40
C ILE A 85 -4.55 4.32 -7.89
N CYS A 86 -4.85 3.90 -9.10
CA CYS A 86 -4.19 2.69 -9.63
C CYS A 86 -2.69 2.84 -9.63
N GLU A 87 -2.19 4.02 -10.04
CA GLU A 87 -0.74 4.17 -10.07
C GLU A 87 -0.15 4.12 -8.67
N CYS A 88 -0.83 4.66 -7.67
CA CYS A 88 -0.37 4.49 -6.27
C CYS A 88 -0.28 3.05 -5.89
N ASP A 89 -1.33 2.29 -6.18
CA ASP A 89 -1.42 0.90 -5.76
C ASP A 89 -0.37 0.06 -6.50
N LYS A 90 -0.26 0.26 -7.80
CA LYS A 90 0.75 -0.45 -8.61
C LYS A 90 2.12 -0.25 -7.98
N ALA A 91 2.48 1.00 -7.65
CA ALA A 91 3.80 1.28 -7.11
C ALA A 91 4.00 0.53 -5.81
N ALA A 92 2.98 0.55 -4.93
CA ALA A 92 3.13 -0.11 -3.65
C ALA A 92 3.26 -1.62 -3.81
N ALA A 93 2.47 -2.20 -4.75
CA ALA A 93 2.59 -3.65 -4.93
C ALA A 93 3.96 -4.05 -5.43
N ILE A 94 4.49 -3.29 -6.38
CA ILE A 94 5.86 -3.48 -6.86
C ILE A 94 6.86 -3.29 -5.73
N CYS A 95 6.67 -2.25 -4.93
CA CYS A 95 7.55 -2.00 -3.80
C CYS A 95 7.53 -3.19 -2.85
N PHE A 96 6.35 -3.74 -2.57
CA PHE A 96 6.32 -4.88 -1.65
C PHE A 96 7.06 -6.04 -2.26
N ARG A 97 6.91 -6.29 -3.54
CA ARG A 97 7.65 -7.36 -4.21
C ARG A 97 9.17 -7.10 -4.15
N GLN A 98 9.60 -5.87 -4.35
CA GLN A 98 11.03 -5.54 -4.31
C GLN A 98 11.60 -5.73 -2.92
N ASN A 99 10.75 -5.73 -1.89
CA ASN A 99 11.28 -5.77 -0.52
C ASN A 99 10.85 -6.98 0.23
N LEU A 100 10.34 -7.98 -0.51
CA LEU A 100 9.97 -9.21 0.18
C LEU A 100 11.13 -9.84 0.98
N ASN A 101 12.34 -9.65 0.46
CA ASN A 101 13.54 -10.22 0.96
C ASN A 101 13.85 -9.71 2.36
N THR A 102 13.24 -8.61 2.76
CA THR A 102 13.46 -8.11 4.11
C THR A 102 12.16 -8.07 4.91
N TYR A 103 11.06 -8.50 4.38
CA TYR A 103 9.80 -8.56 5.13
C TYR A 103 10.08 -9.30 6.46
N SER A 104 9.57 -8.79 7.55
CA SER A 104 9.75 -9.43 8.86
C SER A 104 8.41 -9.56 9.58
N LYS A 105 8.07 -10.79 9.88
CA LYS A 105 6.81 -11.07 10.56
C LYS A 105 6.78 -10.38 11.93
N LYS A 106 7.87 -10.04 12.54
CA LYS A 106 7.82 -9.33 13.84
C LYS A 106 7.18 -7.95 13.74
N TYR A 107 7.00 -7.40 12.52
CA TYR A 107 6.29 -6.13 12.38
C TYR A 107 4.80 -6.29 12.12
N MET A 108 4.25 -7.49 12.02
CA MET A 108 2.80 -7.65 11.95
C MET A 108 2.20 -7.32 13.31
N LEU A 109 1.07 -6.65 13.31
CA LEU A 109 0.36 -6.22 14.49
C LEU A 109 1.26 -5.31 15.31
N TYR A 110 2.03 -4.45 14.62
CA TYR A 110 3.01 -3.65 15.38
C TYR A 110 2.25 -2.65 16.24
N PRO A 111 2.59 -2.56 17.52
CA PRO A 111 1.86 -1.66 18.41
C PRO A 111 2.06 -0.19 18.13
N ASP A 112 0.95 0.54 18.20
CA ASP A 112 0.93 1.96 17.89
C ASP A 112 1.95 2.78 18.68
N PHE A 113 2.13 2.50 19.91
CA PHE A 113 2.94 3.44 20.71
C PHE A 113 4.40 3.41 20.29
N LEU A 114 4.79 2.40 19.51
CA LEU A 114 6.17 2.35 19.00
C LEU A 114 6.31 3.18 17.74
N CYS A 115 5.28 3.89 17.33
CA CYS A 115 5.29 4.69 16.14
C CYS A 115 5.07 6.15 16.53
N LYS A 116 6.15 6.90 16.58
CA LYS A 116 6.04 8.25 17.12
C LYS A 116 6.67 9.25 16.17
N GLY A 117 6.03 10.39 16.01
CA GLY A 117 6.77 11.39 15.24
C GLY A 117 6.19 11.50 13.84
N GLU A 118 6.26 12.75 13.37
CA GLU A 118 5.68 12.91 12.02
C GLU A 118 6.91 12.94 11.12
N LEU A 119 6.71 12.35 9.96
CA LEU A 119 7.67 12.30 8.86
C LEU A 119 6.90 12.88 7.69
N LYS A 120 7.47 13.92 7.13
CA LYS A 120 6.80 14.62 6.03
C LYS A 120 6.92 13.80 4.76
N CYS A 121 5.97 13.79 3.94
CA CYS A 121 5.89 13.18 2.60
C CYS A 121 6.79 13.86 1.56
N VAL B 1 -10.32 -4.53 5.19
CA VAL B 1 -9.04 -4.92 4.55
C VAL B 1 -7.87 -4.14 5.15
N ALA B 2 -7.28 -3.18 4.45
CA ALA B 2 -6.23 -2.32 5.02
C ALA B 2 -6.89 -1.12 5.68
N PHE B 3 -6.95 0.01 4.97
CA PHE B 3 -7.68 1.19 5.44
C PHE B 3 -6.90 1.95 6.50
N ARG B 4 -5.87 2.64 6.06
CA ARG B 4 -4.89 3.35 6.85
C ARG B 4 -5.21 4.84 7.02
N SER B 5 -4.11 5.52 7.31
CA SER B 5 -3.84 6.90 7.66
C SER B 5 -5.10 7.67 8.03
S SO4 C . 16.43 0.09 7.03
O1 SO4 C . 17.07 -1.03 7.75
O2 SO4 C . 16.32 -0.32 5.63
O3 SO4 C . 17.40 1.21 7.11
O4 SO4 C . 15.16 0.48 7.61
S SO4 D . -13.48 -5.34 -10.04
O1 SO4 D . -14.89 -4.89 -9.99
O2 SO4 D . -13.43 -6.79 -10.19
O3 SO4 D . -12.76 -4.92 -8.85
O4 SO4 D . -12.88 -4.74 -11.24
S SO4 E . 10.58 -13.49 9.46
O1 SO4 E . 9.31 -13.02 8.88
O2 SO4 E . 11.44 -13.97 8.37
O3 SO4 E . 10.31 -14.56 10.42
O4 SO4 E . 11.28 -12.40 10.14
S SO4 F . 6.48 -1.41 -14.98
O1 SO4 F . 7.85 -1.86 -14.68
O2 SO4 F . 6.11 -1.86 -16.33
O3 SO4 F . 6.49 0.08 -15.00
O4 SO4 F . 5.60 -1.92 -13.96
C MOH G . -10.33 9.76 -18.28
O MOH G . -9.24 9.75 -17.44
C MOH H . -6.75 -15.50 -1.45
O MOH H . -6.90 -16.72 -0.83
#